data_3K8Q
#
_entry.id   3K8Q
#
_cell.length_a   142.968
_cell.length_b   142.968
_cell.length_c   168.548
_cell.angle_alpha   90.00
_cell.angle_beta   90.00
_cell.angle_gamma   120.00
#
_symmetry.space_group_name_H-M   'H 3 2'
#
loop_
_entity.id
_entity.type
_entity.pdbx_description
1 polymer 'Purine nucleoside phosphorylase'
2 non-polymer 7-({[2-hydroxy-1-(hydroxymethyl)ethyl]amino}methyl)-3,5-dihydro-4H-pyrrolo[3,2-d]pyrimidin-4-one
3 non-polymer 'PHOSPHATE ION'
4 water water
#
_entity_poly.entity_id   1
_entity_poly.type   'polypeptide(L)'
_entity_poly.pdbx_seq_one_letter_code
;MENGYTYEDYKNTAEWLLSHTKHRPQVAIICGSGLGGLTDKLTQAQIFDYSEIPNFPRSTVPGHAGRLVFGFLNGRACVM
MQGRFHMYEGYPLWKVTFPVRVFHLLGVDTLVVTNAAGGLNPKFEVGDIMLIRDHINLPGFSGQNPLRGPNDERFGDRFP
AMSDAYDRTMRQRALSTWKQMGEQRELQEGTYVMVAGPSFETVAECRVLQKLGADAVGMSTVPEVIVARHCGLRVFGFSL
ITNKVIMDYESLEKANHEEVLAAGKQAAQKLEQFVSILMASIPLPDKAS
;
_entity_poly.pdbx_strand_id   A
#
loop_
_chem_comp.id
_chem_comp.type
_chem_comp.name
_chem_comp.formula
22A non-polymer 7-({[2-hydroxy-1-(hydroxymethyl)ethyl]amino}methyl)-3,5-dihydro-4H-pyrrolo[3,2-d]pyrimidin-4-one 'C10 H14 N4 O3'
PO4 non-polymer 'PHOSPHATE ION' 'O4 P -3'
#
# COMPACT_ATOMS: atom_id res chain seq x y z
N MET A 1 1.63 25.76 -5.50
CA MET A 1 1.24 24.44 -6.10
C MET A 1 -0.22 24.07 -5.82
N GLU A 2 -0.76 23.18 -6.64
CA GLU A 2 -2.07 22.61 -6.38
C GLU A 2 -2.17 21.24 -7.04
N ASN A 3 -2.99 20.38 -6.42
CA ASN A 3 -3.44 19.14 -7.00
C ASN A 3 -4.02 19.40 -8.40
N GLY A 4 -3.51 18.67 -9.41
CA GLY A 4 -3.95 18.83 -10.78
C GLY A 4 -5.36 18.31 -11.05
N TYR A 5 -5.94 17.57 -10.09
CA TYR A 5 -7.22 16.89 -10.27
C TYR A 5 -8.36 17.67 -9.61
N THR A 6 -9.39 17.99 -10.37
CA THR A 6 -10.57 18.59 -9.77
C THR A 6 -11.45 17.51 -9.19
N TYR A 7 -12.42 17.90 -8.37
CA TYR A 7 -13.36 16.89 -7.90
C TYR A 7 -14.06 16.19 -9.07
N GLU A 8 -14.42 16.97 -10.10
CA GLU A 8 -15.08 16.41 -11.28
C GLU A 8 -14.25 15.29 -11.92
N ASP A 9 -12.93 15.44 -11.96
CA ASP A 9 -12.07 14.42 -12.56
C ASP A 9 -12.17 13.09 -11.85
N TYR A 10 -12.20 13.14 -10.52
CA TYR A 10 -12.27 11.91 -9.73
C TYR A 10 -13.65 11.29 -9.97
N LYS A 11 -14.68 12.12 -9.99
CA LYS A 11 -16.04 11.66 -10.21
C LYS A 11 -16.09 10.99 -11.58
N ASN A 12 -15.63 11.71 -12.59
CA ASN A 12 -15.61 11.18 -13.93
C ASN A 12 -14.93 9.82 -14.04
N THR A 13 -13.77 9.63 -13.40
CA THR A 13 -13.05 8.35 -13.49
C THR A 13 -13.92 7.24 -12.87
N ALA A 14 -14.51 7.54 -11.72
CA ALA A 14 -15.34 6.60 -10.99
C ALA A 14 -16.54 6.13 -11.84
N GLU A 15 -17.25 7.10 -12.43
CA GLU A 15 -18.44 6.81 -13.21
C GLU A 15 -18.11 5.96 -14.44
N TRP A 16 -16.96 6.22 -15.04
CA TRP A 16 -16.46 5.42 -16.15
C TRP A 16 -16.24 3.98 -15.73
N LEU A 17 -15.85 3.80 -14.48
CA LEU A 17 -15.55 2.46 -14.00
C LEU A 17 -16.88 1.79 -13.61
N LEU A 18 -17.73 2.57 -12.95
CA LEU A 18 -19.05 2.13 -12.60
C LEU A 18 -19.76 1.64 -13.86
N SER A 19 -19.57 2.37 -14.97
CA SER A 19 -20.20 2.08 -16.26
C SER A 19 -19.56 0.92 -17.02
N HIS A 20 -18.40 0.46 -16.61
CA HIS A 20 -17.69 -0.47 -17.47
C HIS A 20 -17.52 -1.78 -16.74
N THR A 21 -18.14 -1.88 -15.58
CA THR A 21 -18.03 -3.06 -14.77
C THR A 21 -19.28 -3.17 -13.96
N LYS A 22 -19.73 -4.40 -13.78
CA LYS A 22 -20.93 -4.67 -13.04
C LYS A 22 -20.56 -4.80 -11.57
N HIS A 23 -19.28 -5.13 -11.31
CA HIS A 23 -18.75 -5.24 -9.95
C HIS A 23 -18.86 -3.94 -9.13
N ARG A 24 -19.08 -4.07 -7.82
CA ARG A 24 -19.10 -2.97 -6.88
C ARG A 24 -18.23 -3.33 -5.67
N PRO A 25 -16.94 -2.92 -5.67
CA PRO A 25 -16.04 -3.42 -4.64
C PRO A 25 -16.28 -2.68 -3.34
N GLN A 26 -15.81 -3.29 -2.26
CA GLN A 26 -15.97 -2.79 -0.91
C GLN A 26 -14.57 -2.63 -0.41
N VAL A 27 -13.71 -3.56 -0.82
CA VAL A 27 -12.32 -3.60 -0.47
C VAL A 27 -11.35 -3.25 -1.64
N ALA A 28 -10.47 -2.26 -1.43
CA ALA A 28 -9.40 -2.02 -2.38
C ALA A 28 -8.11 -2.57 -1.88
N ILE A 29 -7.39 -3.26 -2.72
CA ILE A 29 -6.11 -3.78 -2.33
C ILE A 29 -5.02 -3.22 -3.23
N ILE A 30 -3.93 -2.77 -2.61
CA ILE A 30 -2.76 -2.34 -3.35
C ILE A 30 -1.66 -3.35 -3.15
N CYS A 31 -1.36 -4.11 -4.18
CA CYS A 31 -0.34 -5.16 -4.11
C CYS A 31 1.06 -4.57 -4.25
N GLY A 32 1.88 -4.77 -3.22
CA GLY A 32 3.24 -4.24 -3.26
C GLY A 32 4.08 -5.15 -4.12
N SER A 33 5.00 -4.56 -4.91
CA SER A 33 5.85 -5.32 -5.84
C SER A 33 5.94 -6.84 -5.47
N GLY A 34 6.17 -7.14 -4.17
CA GLY A 34 6.05 -8.53 -3.64
C GLY A 34 4.93 -9.35 -4.35
N LEU A 35 3.67 -9.09 -3.96
CA LEU A 35 2.54 -9.97 -4.32
C LEU A 35 1.60 -9.47 -5.41
N GLY A 36 2.09 -9.40 -6.65
CA GLY A 36 1.21 -9.18 -7.78
C GLY A 36 0.40 -10.43 -8.08
N GLY A 37 0.93 -11.59 -7.68
CA GLY A 37 0.29 -12.89 -7.98
C GLY A 37 -1.15 -13.04 -7.49
N LEU A 38 -1.55 -12.19 -6.54
CA LEU A 38 -2.84 -12.29 -5.89
C LEU A 38 -4.04 -12.23 -6.83
N THR A 39 -3.82 -11.78 -8.05
CA THR A 39 -4.93 -11.61 -8.98
C THR A 39 -5.39 -12.96 -9.53
N ASP A 40 -4.52 -13.97 -9.49
CA ASP A 40 -4.94 -15.33 -9.83
C ASP A 40 -6.09 -15.82 -8.96
N LYS A 41 -6.16 -15.32 -7.70
CA LYS A 41 -7.08 -15.87 -6.70
C LYS A 41 -8.48 -15.29 -6.74
N LEU A 42 -8.65 -14.19 -7.46
CA LEU A 42 -9.94 -13.58 -7.62
C LEU A 42 -10.81 -14.44 -8.47
N THR A 43 -12.12 -14.29 -8.38
CA THR A 43 -13.00 -15.01 -9.28
C THR A 43 -13.94 -13.99 -9.85
N GLN A 44 -14.44 -14.30 -11.07
CA GLN A 44 -15.21 -13.37 -11.87
C GLN A 44 -14.32 -12.15 -12.19
N ALA A 45 -13.05 -12.44 -12.43
CA ALA A 45 -12.05 -11.43 -12.53
C ALA A 45 -12.24 -10.58 -13.80
N GLN A 46 -12.16 -9.26 -13.63
CA GLN A 46 -12.26 -8.34 -14.77
C GLN A 46 -11.15 -7.27 -14.71
N ILE A 47 -10.41 -7.18 -15.79
CA ILE A 47 -9.18 -6.40 -15.84
C ILE A 47 -9.33 -5.13 -16.67
N PHE A 48 -8.85 -4.00 -16.15
CA PHE A 48 -8.65 -2.79 -16.96
C PHE A 48 -7.20 -2.36 -16.92
N ASP A 49 -6.59 -2.13 -18.08
CA ASP A 49 -5.25 -1.47 -18.10
C ASP A 49 -5.38 -0.05 -17.62
N TYR A 50 -4.45 0.38 -16.76
CA TYR A 50 -4.51 1.79 -16.29
C TYR A 50 -4.65 2.76 -17.45
N SER A 51 -3.93 2.45 -18.54
CA SER A 51 -3.91 3.26 -19.75
C SER A 51 -5.27 3.52 -20.39
N GLU A 52 -6.26 2.67 -20.13
CA GLU A 52 -7.64 2.84 -20.68
C GLU A 52 -8.48 3.71 -19.78
N ILE A 53 -8.02 3.94 -18.57
CA ILE A 53 -8.88 4.57 -17.60
C ILE A 53 -8.64 6.07 -17.64
N PRO A 54 -9.70 6.85 -17.79
CA PRO A 54 -9.54 8.26 -17.73
C PRO A 54 -8.82 8.75 -16.47
N ASN A 55 -7.94 9.74 -16.68
CA ASN A 55 -7.23 10.51 -15.65
C ASN A 55 -6.20 9.69 -14.85
N PHE A 56 -5.98 8.44 -15.20
CA PHE A 56 -5.04 7.65 -14.44
C PHE A 56 -3.64 8.10 -14.73
N PRO A 57 -2.78 8.16 -13.71
CA PRO A 57 -1.38 8.42 -14.02
C PRO A 57 -0.88 7.53 -15.11
N ARG A 58 -0.10 8.12 -16.01
CA ARG A 58 0.45 7.40 -17.15
C ARG A 58 1.92 7.01 -16.93
N SER A 59 2.29 5.84 -17.43
CA SER A 59 3.69 5.41 -17.59
C SER A 59 4.12 5.77 -19.04
N THR A 60 5.40 6.08 -19.29
CA THR A 60 5.77 6.41 -20.69
C THR A 60 5.44 5.30 -21.72
N VAL A 61 5.90 4.07 -21.46
CA VAL A 61 5.34 2.85 -22.12
C VAL A 61 4.06 2.42 -21.36
N PRO A 62 2.85 2.84 -21.88
CA PRO A 62 1.55 2.78 -21.17
C PRO A 62 1.18 1.53 -20.33
N GLY A 63 1.54 0.33 -20.80
CA GLY A 63 1.19 -0.94 -20.12
C GLY A 63 1.95 -1.23 -18.84
N HIS A 64 3.16 -0.69 -18.75
CA HIS A 64 4.06 -0.88 -17.61
C HIS A 64 3.52 -0.27 -16.32
N ALA A 65 2.62 0.72 -16.45
CA ALA A 65 1.85 1.26 -15.30
C ALA A 65 1.04 0.15 -14.57
N GLY A 66 0.39 -0.76 -15.34
CA GLY A 66 -0.32 -1.90 -14.76
C GLY A 66 -1.82 -1.84 -14.91
N ARG A 67 -2.53 -2.53 -14.01
CA ARG A 67 -3.95 -2.90 -14.24
C ARG A 67 -4.79 -2.80 -12.97
N LEU A 68 -6.05 -2.42 -13.13
CA LEU A 68 -7.07 -2.56 -12.13
C LEU A 68 -7.77 -3.88 -12.41
N VAL A 69 -8.03 -4.67 -11.37
CA VAL A 69 -8.64 -6.00 -11.51
C VAL A 69 -9.71 -6.09 -10.49
N PHE A 70 -10.96 -6.04 -10.94
CA PHE A 70 -12.13 -6.25 -10.09
C PHE A 70 -12.46 -7.75 -9.98
N GLY A 71 -12.93 -8.17 -8.81
CA GLY A 71 -13.41 -9.54 -8.65
C GLY A 71 -13.79 -9.87 -7.22
N PHE A 72 -13.90 -11.17 -6.95
CA PHE A 72 -14.32 -11.61 -5.65
C PHE A 72 -13.15 -12.35 -5.07
N LEU A 73 -12.82 -11.97 -3.86
CA LEU A 73 -11.79 -12.67 -3.12
C LEU A 73 -12.41 -13.13 -1.80
N ASN A 74 -12.48 -14.46 -1.67
CA ASN A 74 -13.02 -15.09 -0.48
C ASN A 74 -14.34 -14.47 -0.06
N GLY A 75 -15.22 -14.27 -1.02
CA GLY A 75 -16.52 -13.69 -0.74
C GLY A 75 -16.53 -12.19 -0.55
N ARG A 76 -15.38 -11.51 -0.68
CA ARG A 76 -15.42 -10.06 -0.65
C ARG A 76 -15.22 -9.47 -2.05
N ALA A 77 -16.10 -8.55 -2.40
CA ALA A 77 -15.99 -7.74 -3.62
C ALA A 77 -14.73 -6.78 -3.61
N CYS A 78 -13.67 -7.18 -4.30
CA CYS A 78 -12.41 -6.45 -4.30
C CYS A 78 -12.10 -5.74 -5.62
N VAL A 79 -11.27 -4.71 -5.51
CA VAL A 79 -10.61 -4.12 -6.65
C VAL A 79 -9.13 -4.07 -6.29
N MET A 80 -8.28 -4.60 -7.15
CA MET A 80 -6.86 -4.62 -6.88
C MET A 80 -6.02 -3.76 -7.84
N MET A 81 -5.02 -3.09 -7.29
CA MET A 81 -4.03 -2.39 -8.09
C MET A 81 -2.85 -3.31 -8.25
N GLN A 82 -2.57 -3.68 -9.49
CA GLN A 82 -1.41 -4.46 -9.84
C GLN A 82 -0.45 -3.52 -10.60
N GLY A 83 0.57 -3.05 -9.90
CA GLY A 83 1.33 -1.88 -10.33
C GLY A 83 0.82 -0.67 -9.54
N ARG A 84 1.76 0.11 -9.04
CA ARG A 84 1.43 1.28 -8.23
C ARG A 84 2.44 2.39 -8.59
N PHE A 85 2.21 3.59 -8.08
CA PHE A 85 3.08 4.72 -8.43
C PHE A 85 3.93 5.12 -7.23
N HIS A 86 5.21 5.42 -7.48
CA HIS A 86 6.09 5.95 -6.45
C HIS A 86 6.59 7.36 -6.81
N MET A 87 6.89 8.14 -5.78
CA MET A 87 7.39 9.47 -5.95
C MET A 87 8.77 9.47 -6.57
N TYR A 88 9.56 8.43 -6.36
CA TYR A 88 10.88 8.36 -6.98
C TYR A 88 10.81 8.17 -8.51
N GLU A 89 9.63 7.81 -9.06
CA GLU A 89 9.48 7.74 -10.54
C GLU A 89 9.22 9.12 -11.12
N GLY A 90 9.07 10.14 -10.26
CA GLY A 90 8.73 11.45 -10.76
C GLY A 90 7.30 11.90 -10.52
N TYR A 91 6.43 11.03 -10.03
CA TYR A 91 5.04 11.44 -9.78
C TYR A 91 4.89 12.38 -8.57
N PRO A 92 4.17 13.49 -8.75
CA PRO A 92 3.73 14.23 -7.58
C PRO A 92 2.75 13.34 -6.81
N LEU A 93 2.61 13.57 -5.53
CA LEU A 93 1.84 12.70 -4.67
C LEU A 93 0.36 12.75 -4.93
N TRP A 94 -0.12 13.80 -5.57
CA TRP A 94 -1.52 13.85 -5.90
C TRP A 94 -1.82 12.97 -7.10
N LYS A 95 -0.77 12.45 -7.71
CA LYS A 95 -0.94 11.46 -8.75
C LYS A 95 -0.75 10.11 -8.15
N VAL A 96 0.31 9.94 -7.35
CA VAL A 96 0.52 8.71 -6.67
C VAL A 96 -0.77 8.21 -5.99
N THR A 97 -1.54 9.11 -5.40
CA THR A 97 -2.66 8.71 -4.59
C THR A 97 -4.04 8.94 -5.24
N PHE A 98 -4.06 9.33 -6.51
CA PHE A 98 -5.31 9.50 -7.27
C PHE A 98 -6.26 8.25 -7.20
N PRO A 99 -5.71 7.02 -7.29
CA PRO A 99 -6.63 5.88 -7.33
C PRO A 99 -7.46 5.78 -6.05
N VAL A 100 -6.82 6.11 -4.93
CA VAL A 100 -7.45 5.95 -3.64
C VAL A 100 -8.78 6.69 -3.55
N ARG A 101 -8.84 7.88 -4.09
CA ARG A 101 -10.06 8.65 -4.05
C ARG A 101 -11.03 8.14 -5.11
N VAL A 102 -10.52 7.58 -6.19
CA VAL A 102 -11.38 6.94 -7.17
C VAL A 102 -12.11 5.79 -6.43
N PHE A 103 -11.34 4.93 -5.75
CA PHE A 103 -11.87 3.83 -4.98
C PHE A 103 -13.00 4.28 -4.05
N HIS A 104 -12.75 5.30 -3.25
CA HIS A 104 -13.78 5.78 -2.34
C HIS A 104 -15.04 6.17 -3.09
N LEU A 105 -14.89 6.84 -4.22
CA LEU A 105 -16.07 7.26 -4.96
C LEU A 105 -16.78 6.05 -5.61
N LEU A 106 -16.08 4.92 -5.65
CA LEU A 106 -16.61 3.70 -6.20
C LEU A 106 -17.49 2.97 -5.16
N GLY A 107 -17.52 3.51 -3.94
CA GLY A 107 -18.13 2.89 -2.79
C GLY A 107 -17.21 1.98 -1.97
N VAL A 108 -15.91 1.91 -2.27
CA VAL A 108 -15.00 1.11 -1.41
C VAL A 108 -14.95 1.67 0.01
N ASP A 109 -14.83 0.84 1.05
CA ASP A 109 -14.74 1.41 2.39
C ASP A 109 -13.55 0.95 3.20
N THR A 110 -12.75 0.09 2.63
CA THR A 110 -11.58 -0.36 3.33
C THR A 110 -10.40 -0.33 2.38
N LEU A 111 -9.20 -0.08 2.91
CA LEU A 111 -8.01 -0.23 2.05
C LEU A 111 -6.95 -1.18 2.59
N VAL A 112 -6.51 -2.10 1.79
CA VAL A 112 -5.40 -2.93 2.18
C VAL A 112 -4.16 -2.56 1.37
N VAL A 113 -3.07 -2.20 2.04
CA VAL A 113 -1.86 -1.83 1.34
C VAL A 113 -0.76 -2.77 1.74
N THR A 114 0.00 -3.25 0.77
CA THR A 114 1.06 -4.17 1.06
C THR A 114 2.26 -3.59 0.39
N ASN A 115 3.47 -3.99 0.78
CA ASN A 115 4.67 -3.48 0.13
C ASN A 115 5.78 -4.39 0.55
N ALA A 116 6.94 -4.28 -0.10
CA ALA A 116 8.18 -4.88 0.37
C ALA A 116 8.96 -3.82 1.17
N ALA A 117 9.76 -4.22 2.15
CA ALA A 117 10.54 -3.26 2.91
C ALA A 117 11.78 -3.90 3.46
N GLY A 118 12.74 -3.05 3.78
CA GLY A 118 13.97 -3.50 4.36
C GLY A 118 13.82 -3.47 5.86
N GLY A 119 14.46 -4.44 6.52
CA GLY A 119 14.27 -4.66 7.94
C GLY A 119 15.20 -3.77 8.74
N LEU A 120 14.64 -2.97 9.63
CA LEU A 120 15.44 -2.11 10.49
C LEU A 120 15.56 -2.74 11.89
N ASN A 121 14.44 -3.24 12.40
CA ASN A 121 14.46 -4.09 13.58
C ASN A 121 15.50 -5.24 13.45
N PRO A 122 16.47 -5.27 14.38
CA PRO A 122 17.54 -6.28 14.24
C PRO A 122 17.01 -7.70 14.36
N LYS A 123 15.86 -7.88 14.99
CA LYS A 123 15.34 -9.21 15.15
C LYS A 123 14.53 -9.74 13.96
N PHE A 124 14.28 -8.90 12.95
CA PHE A 124 13.44 -9.36 11.82
C PHE A 124 14.27 -10.25 10.90
N GLU A 125 13.60 -11.07 10.10
CA GLU A 125 14.32 -11.91 9.14
C GLU A 125 13.68 -11.81 7.77
N VAL A 126 14.49 -12.03 6.74
CA VAL A 126 13.96 -12.15 5.40
C VAL A 126 12.83 -13.18 5.42
N GLY A 127 11.66 -12.78 4.92
CA GLY A 127 10.52 -13.66 4.83
C GLY A 127 9.46 -13.20 5.80
N ASP A 128 9.90 -12.56 6.88
CA ASP A 128 8.95 -12.05 7.86
C ASP A 128 7.92 -11.14 7.25
N ILE A 129 6.71 -11.20 7.78
CA ILE A 129 5.70 -10.24 7.49
C ILE A 129 5.55 -9.39 8.72
N MET A 130 5.43 -8.08 8.51
CA MET A 130 5.23 -7.16 9.61
C MET A 130 3.96 -6.38 9.39
N LEU A 131 3.02 -6.55 10.28
CA LEU A 131 1.84 -5.71 10.29
C LEU A 131 2.26 -4.26 10.54
N ILE A 132 1.51 -3.32 9.95
CA ILE A 132 1.79 -1.92 10.16
C ILE A 132 0.91 -1.32 11.24
N ARG A 133 1.53 -0.99 12.36
CA ARG A 133 0.85 -0.35 13.48
C ARG A 133 0.85 1.16 13.28
N ASP A 134 1.96 1.68 12.76
CA ASP A 134 2.13 3.12 12.59
C ASP A 134 3.09 3.41 11.47
N HIS A 135 3.24 4.70 11.14
CA HIS A 135 4.29 5.09 10.19
C HIS A 135 4.94 6.40 10.59
N ILE A 136 6.08 6.66 9.98
CA ILE A 136 6.78 7.95 10.09
C ILE A 136 6.91 8.46 8.65
N ASN A 137 6.22 9.54 8.37
CA ASN A 137 6.18 10.13 7.07
C ASN A 137 7.25 11.17 6.91
N LEU A 138 8.50 10.76 6.78
CA LEU A 138 9.58 11.74 6.53
C LEU A 138 9.32 12.72 5.38
N PRO A 139 9.02 12.27 4.14
CA PRO A 139 8.67 13.27 3.14
C PRO A 139 7.57 14.23 3.56
N GLY A 140 6.57 13.73 4.29
CA GLY A 140 5.51 14.62 4.73
C GLY A 140 6.01 15.81 5.60
N PHE A 141 7.06 15.61 6.38
CA PHE A 141 7.54 16.66 7.31
C PHE A 141 8.03 17.91 6.57
N SER A 142 8.53 17.67 5.34
CA SER A 142 9.13 18.65 4.44
C SER A 142 8.20 19.34 3.52
N GLY A 143 6.99 18.84 3.39
CA GLY A 143 6.04 19.45 2.44
C GLY A 143 5.39 18.51 1.45
N GLN A 144 6.04 17.37 1.23
CA GLN A 144 5.56 16.32 0.37
C GLN A 144 4.46 15.49 1.05
N ASN A 145 3.25 16.02 0.97
CA ASN A 145 2.08 15.43 1.50
C ASN A 145 1.02 15.48 0.42
N PRO A 146 0.36 14.35 0.16
CA PRO A 146 -0.67 14.31 -0.92
C PRO A 146 -1.82 15.31 -0.77
N LEU A 147 -2.08 15.73 0.46
CA LEU A 147 -3.15 16.74 0.73
C LEU A 147 -2.70 18.19 0.57
N ARG A 148 -1.42 18.45 0.40
CA ARG A 148 -0.95 19.83 0.18
C ARG A 148 -1.81 20.52 -0.90
N GLY A 149 -2.20 21.75 -0.64
CA GLY A 149 -3.05 22.47 -1.57
C GLY A 149 -4.45 22.74 -1.03
N PRO A 150 -5.30 23.42 -1.79
CA PRO A 150 -6.67 23.63 -1.27
C PRO A 150 -7.38 22.31 -0.91
N ASN A 151 -8.09 22.31 0.20
CA ASN A 151 -8.81 21.13 0.63
C ASN A 151 -10.20 21.17 0.03
N ASP A 152 -10.70 19.98 -0.30
CA ASP A 152 -12.05 19.82 -0.78
C ASP A 152 -12.78 19.09 0.31
N GLU A 153 -13.73 19.78 0.96
CA GLU A 153 -14.46 19.14 2.08
C GLU A 153 -15.25 17.94 1.62
N ARG A 154 -15.50 17.81 0.32
CA ARG A 154 -16.23 16.66 -0.16
C ARG A 154 -15.49 15.38 0.09
N PHE A 155 -14.17 15.44 0.23
CA PHE A 155 -13.39 14.28 0.57
C PHE A 155 -13.12 14.13 2.07
N GLY A 156 -12.84 15.24 2.76
CA GLY A 156 -12.32 15.21 4.14
C GLY A 156 -11.99 16.61 4.66
N ASP A 157 -11.51 16.72 5.88
CA ASP A 157 -11.23 18.07 6.41
C ASP A 157 -9.81 18.60 6.15
N ARG A 158 -9.54 19.83 6.57
CA ARG A 158 -8.25 20.45 6.33
CA ARG A 158 -8.26 20.48 6.36
C ARG A 158 -7.12 19.73 7.06
N PHE A 159 -7.36 19.32 8.31
CA PHE A 159 -6.33 18.79 9.18
C PHE A 159 -6.72 17.43 9.74
N PRO A 160 -6.71 16.38 8.91
CA PRO A 160 -7.12 15.07 9.45
C PRO A 160 -6.07 14.48 10.34
N ALA A 161 -6.49 13.58 11.25
CA ALA A 161 -5.58 12.97 12.21
C ALA A 161 -5.07 11.72 11.64
N MET A 162 -3.86 11.39 12.03
CA MET A 162 -3.26 10.16 11.54
C MET A 162 -2.86 9.25 12.68
N SER A 163 -3.08 9.70 13.93
CA SER A 163 -2.74 8.83 15.07
C SER A 163 -3.51 7.49 15.08
N ASP A 164 -4.71 7.48 14.51
CA ASP A 164 -5.49 6.25 14.42
C ASP A 164 -5.46 5.60 13.01
N ALA A 165 -4.40 5.80 12.22
CA ALA A 165 -4.43 5.42 10.79
C ALA A 165 -4.72 3.94 10.57
N TYR A 166 -4.04 3.10 11.32
CA TYR A 166 -4.07 1.66 11.11
C TYR A 166 -5.06 0.95 12.03
N ASP A 167 -6.19 0.57 11.47
CA ASP A 167 -7.29 -0.07 12.25
C ASP A 167 -6.85 -1.04 13.33
N ARG A 168 -7.09 -0.66 14.58
CA ARG A 168 -6.88 -1.57 15.72
C ARG A 168 -7.59 -2.94 15.53
N THR A 169 -8.88 -2.93 15.25
CA THR A 169 -9.61 -4.19 15.04
C THR A 169 -8.93 -5.17 14.04
N MET A 170 -8.62 -4.66 12.85
CA MET A 170 -8.09 -5.47 11.75
C MET A 170 -6.76 -6.06 12.13
N ARG A 171 -6.06 -5.33 12.99
CA ARG A 171 -4.75 -5.78 13.45
C ARG A 171 -4.84 -6.94 14.44
N GLN A 172 -5.81 -6.91 15.34
CA GLN A 172 -6.02 -8.08 16.21
C GLN A 172 -6.52 -9.27 15.40
N ARG A 173 -7.57 -9.03 14.61
CA ARG A 173 -8.12 -10.09 13.79
C ARG A 173 -7.07 -10.72 12.91
N ALA A 174 -6.04 -9.96 12.58
CA ALA A 174 -4.96 -10.47 11.73
C ALA A 174 -3.99 -11.40 12.46
N LEU A 175 -3.72 -11.12 13.73
CA LEU A 175 -2.98 -12.04 14.60
C LEU A 175 -3.70 -13.40 14.75
N SER A 176 -5.03 -13.36 14.93
CA SER A 176 -5.91 -14.54 14.82
C SER A 176 -5.54 -15.40 13.59
N THR A 177 -5.98 -14.94 12.43
CA THR A 177 -5.72 -15.55 11.11
C THR A 177 -4.33 -16.20 10.93
N TRP A 178 -3.37 -15.80 11.76
CA TRP A 178 -1.98 -16.22 11.62
C TRP A 178 -1.68 -17.53 12.38
N LYS A 179 -2.32 -17.67 13.55
CA LYS A 179 -2.38 -18.94 14.31
C LYS A 179 -3.06 -19.98 13.45
N GLN A 180 -4.21 -19.59 12.89
CA GLN A 180 -4.95 -20.36 11.89
C GLN A 180 -4.06 -20.94 10.78
N MET A 181 -3.08 -20.17 10.31
CA MET A 181 -2.13 -20.71 9.31
C MET A 181 -1.07 -21.68 9.91
N GLY A 182 -0.90 -21.64 11.23
CA GLY A 182 0.12 -22.44 11.95
C GLY A 182 1.54 -22.26 11.41
N GLU A 183 2.12 -21.07 11.62
CA GLU A 183 3.45 -20.73 11.06
C GLU A 183 4.58 -20.78 12.10
N GLN A 184 5.77 -21.17 11.63
CA GLN A 184 6.99 -21.25 12.45
C GLN A 184 7.49 -19.86 12.87
N ARG A 185 7.61 -18.95 11.90
CA ARG A 185 7.85 -17.54 12.20
C ARG A 185 6.58 -16.90 12.73
N GLU A 186 6.72 -16.13 13.80
CA GLU A 186 5.64 -15.32 14.37
C GLU A 186 5.29 -14.14 13.47
N LEU A 187 4.06 -13.67 13.56
CA LEU A 187 3.67 -12.45 12.87
C LEU A 187 4.25 -11.20 13.53
N GLN A 188 5.07 -10.47 12.79
CA GLN A 188 5.71 -9.26 13.29
C GLN A 188 4.79 -8.05 13.22
N GLU A 189 5.10 -7.03 14.02
CA GLU A 189 4.31 -5.80 14.08
C GLU A 189 5.21 -4.59 14.40
N GLY A 190 4.91 -3.42 13.81
CA GLY A 190 5.79 -2.26 13.94
C GLY A 190 5.56 -1.03 13.07
N THR A 191 6.57 -0.17 13.04
CA THR A 191 6.46 1.13 12.40
C THR A 191 7.17 1.11 11.06
N TYR A 192 6.43 1.53 10.06
CA TYR A 192 6.99 1.68 8.71
C TYR A 192 7.44 3.12 8.49
N VAL A 193 8.70 3.31 8.15
CA VAL A 193 9.13 4.63 7.74
C VAL A 193 9.13 4.74 6.21
N MET A 194 8.50 5.79 5.70
CA MET A 194 8.68 6.10 4.27
C MET A 194 9.87 7.04 4.01
N VAL A 195 10.69 6.68 3.04
CA VAL A 195 11.71 7.59 2.46
C VAL A 195 11.48 7.60 0.95
N ALA A 196 12.04 8.57 0.23
CA ALA A 196 11.59 8.73 -1.14
C ALA A 196 12.41 7.91 -2.12
N GLY A 197 13.64 7.58 -1.75
CA GLY A 197 14.57 6.88 -2.69
C GLY A 197 14.84 7.72 -3.93
N PRO A 198 15.22 7.06 -5.05
CA PRO A 198 15.19 5.62 -5.26
C PRO A 198 16.48 4.87 -4.90
N SER A 199 17.53 5.56 -4.48
CA SER A 199 18.75 4.88 -4.11
C SER A 199 18.57 4.31 -2.70
N PHE A 200 19.40 3.34 -2.32
CA PHE A 200 19.24 2.68 -1.03
C PHE A 200 20.01 3.41 0.06
N GLU A 201 19.61 3.18 1.28
CA GLU A 201 20.12 3.90 2.43
C GLU A 201 21.57 3.54 2.68
N THR A 202 22.29 4.48 3.28
CA THR A 202 23.63 4.23 3.70
C THR A 202 23.54 3.62 5.10
N VAL A 203 24.69 3.11 5.59
CA VAL A 203 24.80 2.61 6.96
C VAL A 203 24.33 3.71 7.90
N ALA A 204 24.90 4.91 7.75
CA ALA A 204 24.56 5.99 8.64
C ALA A 204 23.09 6.37 8.52
N GLU A 205 22.50 6.27 7.32
CA GLU A 205 21.07 6.56 7.20
C GLU A 205 20.20 5.53 7.95
N CYS A 206 20.47 4.25 7.71
CA CYS A 206 19.90 3.16 8.48
C CYS A 206 19.91 3.36 9.97
N ARG A 207 21.06 3.75 10.51
CA ARG A 207 21.13 3.97 11.95
C ARG A 207 20.23 5.10 12.40
N VAL A 208 20.09 6.13 11.57
CA VAL A 208 19.18 7.22 11.83
C VAL A 208 17.74 6.70 11.86
N LEU A 209 17.38 5.84 10.92
CA LEU A 209 16.01 5.37 10.87
C LEU A 209 15.71 4.45 12.05
N GLN A 210 16.65 3.59 12.39
CA GLN A 210 16.52 2.78 13.59
C GLN A 210 16.27 3.68 14.77
N LYS A 211 17.11 4.70 14.96
CA LYS A 211 16.88 5.56 16.11
C LYS A 211 15.61 6.40 16.07
N LEU A 212 14.89 6.46 14.95
CA LEU A 212 13.60 7.18 14.96
C LEU A 212 12.52 6.22 15.50
N GLY A 213 12.89 4.97 15.70
CA GLY A 213 11.96 3.97 16.16
C GLY A 213 11.26 3.27 15.03
N ALA A 214 11.78 3.40 13.80
CA ALA A 214 11.20 2.65 12.66
C ALA A 214 11.61 1.19 12.66
N ASP A 215 10.75 0.32 12.19
CA ASP A 215 11.09 -1.07 12.10
C ASP A 215 11.35 -1.51 10.67
N ALA A 216 10.64 -0.90 9.73
CA ALA A 216 10.83 -1.18 8.32
C ALA A 216 10.91 0.11 7.53
N VAL A 217 11.63 0.06 6.42
CA VAL A 217 11.76 1.20 5.51
C VAL A 217 11.37 0.85 4.08
N GLY A 218 10.46 1.62 3.49
CA GLY A 218 10.19 1.52 2.05
C GLY A 218 9.99 2.89 1.43
N MET A 219 9.47 2.91 0.19
CA MET A 219 9.36 4.14 -0.58
C MET A 219 7.96 4.37 -1.10
N SER A 220 6.97 3.80 -0.40
CA SER A 220 5.57 3.93 -0.83
C SER A 220 4.58 4.02 0.34
N THR A 221 3.30 3.84 0.02
CA THR A 221 2.29 3.43 0.99
C THR A 221 1.73 4.55 1.83
N VAL A 222 2.60 5.29 2.53
CA VAL A 222 2.18 6.32 3.50
C VAL A 222 1.24 7.34 2.87
N PRO A 223 1.59 7.85 1.66
CA PRO A 223 0.70 8.80 1.04
C PRO A 223 -0.68 8.18 0.78
N GLU A 224 -0.72 6.95 0.32
CA GLU A 224 -2.05 6.33 0.07
C GLU A 224 -2.81 6.19 1.40
N VAL A 225 -2.09 5.77 2.41
CA VAL A 225 -2.71 5.76 3.73
C VAL A 225 -3.26 7.12 4.11
N ILE A 226 -2.49 8.19 3.92
CA ILE A 226 -2.98 9.51 4.37
C ILE A 226 -4.24 9.94 3.62
N VAL A 227 -4.28 9.66 2.33
CA VAL A 227 -5.42 10.03 1.53
C VAL A 227 -6.67 9.17 1.88
N ALA A 228 -6.45 7.86 2.04
CA ALA A 228 -7.51 6.94 2.53
C ALA A 228 -8.12 7.45 3.80
N ARG A 229 -7.30 7.56 4.84
CA ARG A 229 -7.80 8.15 6.08
C ARG A 229 -8.50 9.47 5.84
N HIS A 230 -7.93 10.36 5.04
CA HIS A 230 -8.58 11.67 4.84
C HIS A 230 -10.03 11.55 4.38
N CYS A 231 -10.33 10.56 3.55
CA CYS A 231 -11.69 10.44 3.08
C CYS A 231 -12.53 9.32 3.74
N GLY A 232 -11.97 8.67 4.75
CA GLY A 232 -12.75 7.89 5.72
C GLY A 232 -12.63 6.38 5.60
N LEU A 233 -11.73 5.94 4.72
CA LEU A 233 -11.50 4.53 4.51
C LEU A 233 -10.85 3.91 5.71
N ARG A 234 -11.20 2.66 5.99
CA ARG A 234 -10.56 1.93 7.06
C ARG A 234 -9.30 1.44 6.41
N VAL A 235 -8.21 1.37 7.15
CA VAL A 235 -6.94 1.02 6.55
C VAL A 235 -6.28 -0.07 7.33
N PHE A 236 -5.77 -1.05 6.62
CA PHE A 236 -4.92 -2.03 7.22
C PHE A 236 -3.79 -2.27 6.24
N GLY A 237 -2.62 -2.67 6.72
CA GLY A 237 -1.60 -3.13 5.79
C GLY A 237 -0.38 -3.77 6.43
N PHE A 238 0.52 -4.26 5.60
CA PHE A 238 1.70 -4.92 6.09
C PHE A 238 2.81 -4.88 5.11
N SER A 239 3.99 -5.26 5.55
CA SER A 239 5.18 -5.26 4.72
C SER A 239 5.80 -6.63 4.68
N LEU A 240 6.39 -6.98 3.53
CA LEU A 240 7.21 -8.15 3.47
C LEU A 240 8.65 -7.73 3.64
N ILE A 241 9.32 -8.27 4.64
CA ILE A 241 10.71 -7.95 4.82
C ILE A 241 11.52 -8.73 3.79
N THR A 242 12.10 -8.06 2.83
CA THR A 242 12.78 -8.71 1.75
C THR A 242 14.29 -8.74 2.00
N ASN A 243 14.74 -7.98 2.97
CA ASN A 243 16.16 -7.80 3.19
C ASN A 243 16.37 -7.14 4.52
N LYS A 244 17.56 -7.30 5.12
CA LYS A 244 17.89 -6.66 6.39
C LYS A 244 18.86 -5.57 6.04
N VAL A 245 18.54 -4.32 6.36
CA VAL A 245 19.34 -3.22 5.84
C VAL A 245 20.73 -3.29 6.47
N ILE A 246 21.76 -3.01 5.67
CA ILE A 246 23.14 -3.10 6.12
C ILE A 246 23.41 -2.08 7.22
N MET A 247 23.91 -2.52 8.38
CA MET A 247 23.98 -1.68 9.58
C MET A 247 25.40 -1.42 10.15
N ASP A 248 26.42 -1.99 9.54
CA ASP A 248 27.80 -1.72 9.97
C ASP A 248 28.72 -1.72 8.77
N TYR A 249 29.94 -1.20 8.97
CA TYR A 249 30.81 -0.93 7.84
C TYR A 249 31.66 -2.11 7.40
N GLU A 250 31.86 -3.10 8.27
CA GLU A 250 32.69 -4.25 7.88
C GLU A 250 32.00 -5.19 6.88
N SER A 251 30.67 -5.17 6.84
CA SER A 251 29.92 -6.09 5.97
C SER A 251 30.22 -5.87 4.48
N LEU A 252 30.45 -6.96 3.72
CA LEU A 252 30.71 -6.80 2.29
C LEU A 252 29.44 -6.82 1.44
N GLU A 253 28.31 -7.05 2.10
CA GLU A 253 27.04 -7.18 1.38
C GLU A 253 26.32 -5.85 1.11
N LYS A 254 25.54 -5.83 0.03
CA LYS A 254 24.81 -4.62 -0.42
C LYS A 254 23.30 -4.90 -0.64
N ALA A 255 22.45 -3.91 -0.34
CA ALA A 255 21.04 -3.96 -0.71
C ALA A 255 20.90 -3.89 -2.24
N ASN A 256 20.11 -4.78 -2.83
CA ASN A 256 19.89 -4.82 -4.28
C ASN A 256 18.48 -5.28 -4.66
N HIS A 257 18.04 -4.89 -5.86
CA HIS A 257 16.72 -5.17 -6.38
C HIS A 257 16.45 -6.65 -6.72
N GLU A 258 17.49 -7.36 -7.15
CA GLU A 258 17.35 -8.78 -7.54
C GLU A 258 16.91 -9.65 -6.37
N GLU A 259 17.56 -9.42 -5.23
CA GLU A 259 17.31 -10.16 -4.01
C GLU A 259 16.01 -9.72 -3.30
N VAL A 260 15.55 -8.51 -3.58
CA VAL A 260 14.20 -8.06 -3.14
C VAL A 260 13.10 -8.76 -3.96
N LEU A 261 13.29 -8.83 -5.28
CA LEU A 261 12.38 -9.61 -6.15
C LEU A 261 12.38 -11.10 -5.80
N ALA A 262 13.57 -11.64 -5.50
CA ALA A 262 13.75 -13.05 -5.11
C ALA A 262 12.95 -13.42 -3.85
N ALA A 263 13.14 -12.62 -2.80
CA ALA A 263 12.40 -12.72 -1.53
C ALA A 263 10.88 -12.63 -1.74
N GLY A 264 10.44 -11.68 -2.56
CA GLY A 264 9.07 -11.62 -3.05
C GLY A 264 8.57 -12.99 -3.50
N LYS A 265 9.37 -13.69 -4.31
CA LYS A 265 9.06 -15.06 -4.78
C LYS A 265 8.86 -16.13 -3.68
N GLN A 266 9.71 -16.14 -2.66
CA GLN A 266 9.57 -17.12 -1.59
C GLN A 266 8.23 -16.95 -0.88
N ALA A 267 7.96 -15.72 -0.43
CA ALA A 267 6.77 -15.44 0.35
C ALA A 267 5.51 -15.29 -0.50
N ALA A 268 5.65 -15.48 -1.82
CA ALA A 268 4.54 -15.34 -2.75
C ALA A 268 3.30 -16.05 -2.25
N GLN A 269 3.23 -17.37 -2.42
CA GLN A 269 2.08 -18.15 -1.94
C GLN A 269 1.61 -17.68 -0.54
N LYS A 270 2.48 -17.85 0.45
CA LYS A 270 2.23 -17.44 1.84
C LYS A 270 1.38 -16.16 1.98
N LEU A 271 1.72 -15.15 1.19
CA LEU A 271 1.10 -13.83 1.27
C LEU A 271 -0.33 -13.82 0.73
N GLU A 272 -0.52 -14.50 -0.39
CA GLU A 272 -1.82 -14.67 -1.03
C GLU A 272 -2.80 -15.30 -0.07
N GLN A 273 -2.49 -16.53 0.35
CA GLN A 273 -3.29 -17.22 1.34
C GLN A 273 -3.61 -16.25 2.46
N PHE A 274 -2.57 -15.61 2.99
CA PHE A 274 -2.74 -14.72 4.11
C PHE A 274 -3.80 -13.66 3.82
N VAL A 275 -3.63 -12.93 2.72
CA VAL A 275 -4.54 -11.82 2.43
C VAL A 275 -5.94 -12.34 2.16
N SER A 276 -5.98 -13.39 1.36
CA SER A 276 -7.20 -14.09 0.99
C SER A 276 -8.02 -14.45 2.22
N ILE A 277 -7.36 -15.09 3.19
CA ILE A 277 -8.07 -15.44 4.41
C ILE A 277 -8.50 -14.19 5.16
N LEU A 278 -7.63 -13.19 5.25
CA LEU A 278 -7.98 -11.99 6.00
C LEU A 278 -9.29 -11.37 5.52
N MET A 279 -9.55 -11.49 4.22
CA MET A 279 -10.77 -11.01 3.64
C MET A 279 -11.97 -11.23 4.53
N ALA A 280 -12.11 -12.46 5.06
CA ALA A 280 -13.27 -12.85 5.88
C ALA A 280 -13.44 -12.04 7.18
N SER A 281 -12.34 -11.55 7.73
CA SER A 281 -12.36 -10.72 8.95
C SER A 281 -12.82 -9.30 8.69
N ILE A 282 -12.86 -8.89 7.42
CA ILE A 282 -13.29 -7.53 7.10
C ILE A 282 -14.79 -7.44 7.32
N PRO A 283 -15.24 -6.53 8.20
CA PRO A 283 -16.67 -6.36 8.41
C PRO A 283 -17.36 -6.23 7.08
N LEU A 284 -18.57 -6.76 6.97
CA LEU A 284 -19.43 -6.44 5.83
C LEU A 284 -19.86 -4.97 5.94
N PRO A 285 -20.28 -4.37 4.81
CA PRO A 285 -20.83 -3.01 4.85
C PRO A 285 -22.22 -2.94 5.52
N ASP A 286 -22.67 -1.73 5.85
CA ASP A 286 -23.96 -1.49 6.52
C ASP A 286 -23.93 -2.00 7.98
N1 22A B . 15.13 0.30 1.57
C2 22A B . 14.13 1.00 1.01
N3 22A B . 13.11 0.41 0.35
C4 22A B . 13.09 -0.94 0.24
C5 22A B . 14.03 -1.73 0.93
C6 22A B . 15.20 -1.05 1.49
O6 22A B . 16.12 -1.69 2.06
N7 22A B . 13.85 -3.12 0.54
C8 22A B . 12.65 -3.08 -0.14
C9 22A B . 12.15 -1.78 -0.34
N1' 22A B . 11.23 -1.55 -2.52
C10 22A B . 10.91 -1.42 -1.10
C2' 22A B . 12.16 -0.59 -3.15
C3' 22A B . 11.38 0.54 -3.80
C4' 22A B . 13.13 -1.22 -4.16
O5' 22A B . 12.76 -2.56 -4.58
O6' 22A B . 10.19 0.07 -4.48
P PO4 C . 6.82 -1.24 -2.90
O1 PO4 C . 6.24 -2.60 -2.56
O2 PO4 C . 6.76 -0.24 -1.75
O3 PO4 C . 8.24 -1.47 -3.30
O4 PO4 C . 6.01 -0.75 -4.07
P PO4 D . 6.99 24.66 -4.01
O1 PO4 D . 8.41 24.12 -3.81
O2 PO4 D . 6.45 25.18 -2.70
O3 PO4 D . 7.07 25.77 -5.06
O4 PO4 D . 6.09 23.58 -4.55
#